data_5ZYH
#
_entry.id   5ZYH
#
_cell.length_a   60.090
_cell.length_b   60.090
_cell.length_c   153.770
_cell.angle_alpha   90.000
_cell.angle_beta   90.000
_cell.angle_gamma   90.000
#
_symmetry.space_group_name_H-M   'P 41 21 2'
#
loop_
_entity.id
_entity.type
_entity.pdbx_description
1 polymer 'LIPID-TRANSFER PROTEIN CERT'
2 non-polymer 2-[4-[3-~{tert}-butyl-5-[(1~{R},2~{S})-2-pyridin-2-ylcyclopropyl]phenyl]phenyl]sulfonylethanol
3 water water
#
_entity_poly.entity_id   1
_entity_poly.type   'polypeptide(L)'
_entity_poly.pdbx_seq_one_letter_code
;GPTHRFVQKVEEMVQNHMTYSLQDVGGDANWQLVVEEGEMKVYRREVEENGIVLDPLKATHAVKGVTGHEVCNYFWNVDV
RNDWETTIENFHVVETLADNAIIIYQTHKRVWPASQRDVLYLSVIRKIPALTENDPETWIVCNFSVDHDSAPLNNRCVRA
KINVAMICQTLVSPPEGNQEISRDNILCKITYVANVNPGGWAPASVLRAVAKREYPKFLKRFTSYVQEKTAGKPILF
;
_entity_poly.pdbx_strand_id   A
#
# COMPACT_ATOMS: atom_id res chain seq x y z
N THR A 3 11.99 12.74 -16.15
CA THR A 3 10.65 12.87 -16.79
C THR A 3 10.41 11.70 -17.72
N HIS A 4 10.12 10.52 -17.14
CA HIS A 4 9.78 9.30 -17.85
C HIS A 4 8.34 9.38 -18.38
N ARG A 5 7.90 8.33 -19.08
CA ARG A 5 6.67 8.39 -19.84
C ARG A 5 5.44 8.30 -18.93
N PHE A 6 5.64 8.13 -17.62
CA PHE A 6 4.52 7.92 -16.72
C PHE A 6 4.29 9.13 -15.78
N VAL A 7 4.97 10.26 -16.04
CA VAL A 7 4.94 11.32 -15.04
C VAL A 7 3.52 11.86 -14.85
N GLN A 8 2.76 11.97 -15.93
CA GLN A 8 1.46 12.60 -15.85
C GLN A 8 0.45 11.66 -15.17
N LYS A 9 0.55 10.36 -15.49
CA LYS A 9 -0.30 9.34 -14.87
C LYS A 9 0.01 9.23 -13.37
N VAL A 10 1.29 9.21 -13.02
CA VAL A 10 1.68 9.23 -11.63
C VAL A 10 1.02 10.41 -10.93
N GLU A 11 1.23 11.60 -11.51
CA GLU A 11 0.66 12.79 -10.88
C GLU A 11 -0.84 12.62 -10.63
N GLU A 12 -1.56 12.08 -11.60
CA GLU A 12 -2.99 11.95 -11.43
C GLU A 12 -3.34 10.93 -10.33
N MET A 13 -2.59 9.81 -10.23
CA MET A 13 -2.94 8.77 -9.26
C MET A 13 -2.67 9.32 -7.88
N VAL A 14 -1.55 10.00 -7.74
CA VAL A 14 -1.13 10.55 -6.47
C VAL A 14 -2.14 11.59 -5.95
N GLN A 15 -2.60 12.46 -6.85
CA GLN A 15 -3.49 13.55 -6.49
C GLN A 15 -4.87 13.01 -6.15
N ASN A 16 -5.35 11.99 -6.86
CA ASN A 16 -6.63 11.38 -6.51
C ASN A 16 -6.54 10.80 -5.10
N HIS A 17 -5.40 10.18 -4.77
CA HIS A 17 -5.23 9.67 -3.43
C HIS A 17 -5.24 10.82 -2.42
N MET A 18 -4.54 11.92 -2.74
CA MET A 18 -4.49 13.00 -1.78
C MET A 18 -5.88 13.61 -1.61
N THR A 19 -6.68 13.63 -2.69
CA THR A 19 -8.03 14.17 -2.61
C THR A 19 -9.00 13.21 -1.95
N TYR A 20 -8.90 11.91 -2.20
CA TYR A 20 -9.99 11.03 -1.82
C TYR A 20 -9.62 10.07 -0.71
N SER A 21 -8.39 9.56 -0.77
CA SER A 21 -8.00 8.47 0.09
C SER A 21 -7.79 8.96 1.53
N LEU A 22 -7.38 10.23 1.66
CA LEU A 22 -7.02 10.83 2.94
C LEU A 22 -8.24 11.28 3.75
N GLN A 23 -9.40 11.40 3.09
CA GLN A 23 -10.60 11.86 3.77
C GLN A 23 -11.00 10.89 4.88
N ASP A 24 -11.53 11.45 5.97
CA ASP A 24 -11.92 10.63 7.11
C ASP A 24 -13.21 9.87 6.76
N VAL A 25 -13.37 8.66 7.31
CA VAL A 25 -14.50 7.79 7.02
C VAL A 25 -15.19 7.39 8.34
N GLY A 27 -17.89 8.03 10.79
CA GLY A 27 -18.43 9.24 10.13
C GLY A 27 -19.20 8.95 8.83
N ASP A 28 -18.51 8.28 7.89
CA ASP A 28 -19.02 7.79 6.60
C ASP A 28 -19.52 6.35 6.75
N ALA A 29 -20.87 6.17 6.83
CA ALA A 29 -21.51 4.87 7.01
C ALA A 29 -21.33 4.00 5.75
N ASN A 30 -20.83 4.62 4.66
CA ASN A 30 -20.41 3.90 3.46
C ASN A 30 -19.41 2.80 3.80
N TRP A 31 -18.41 3.21 4.57
CA TRP A 31 -17.34 2.32 4.99
C TRP A 31 -17.84 1.46 6.14
N GLN A 32 -17.72 0.15 5.98
CA GLN A 32 -18.02 -0.74 7.07
C GLN A 32 -16.71 -0.93 7.81
N LEU A 33 -16.72 -0.61 9.12
CA LEU A 33 -15.61 -0.92 9.99
C LEU A 33 -15.66 -2.43 10.24
N VAL A 34 -14.60 -3.16 9.82
CA VAL A 34 -14.52 -4.62 9.82
C VAL A 34 -13.74 -5.13 11.02
N VAL A 35 -12.56 -4.53 11.27
CA VAL A 35 -11.62 -4.97 12.31
C VAL A 35 -11.04 -3.72 13.00
N GLU A 36 -10.93 -3.73 14.34
CA GLU A 36 -10.21 -2.68 15.07
C GLU A 36 -9.31 -3.33 16.11
N GLU A 37 -8.01 -3.13 16.00
CA GLU A 37 -7.07 -3.63 16.99
C GLU A 37 -6.21 -2.45 17.45
N GLY A 38 -6.65 -1.75 18.50
CA GLY A 38 -5.83 -0.70 19.08
C GLY A 38 -5.86 0.53 18.19
N GLU A 39 -4.67 0.90 17.70
CA GLU A 39 -4.55 2.08 16.85
C GLU A 39 -5.11 1.78 15.45
N MET A 40 -5.10 0.49 15.07
CA MET A 40 -5.41 0.13 13.69
C MET A 40 -6.92 -0.10 13.48
N LYS A 41 -7.50 0.59 12.50
CA LYS A 41 -8.87 0.42 12.10
C LYS A 41 -8.93 0.02 10.62
N VAL A 42 -9.67 -1.04 10.30
CA VAL A 42 -9.71 -1.52 8.93
C VAL A 42 -11.16 -1.51 8.45
N TYR A 43 -11.41 -0.83 7.32
CA TYR A 43 -12.74 -0.73 6.70
C TYR A 43 -12.78 -1.34 5.30
N ARG A 44 -13.98 -1.71 4.85
CA ARG A 44 -14.17 -2.20 3.49
C ARG A 44 -15.51 -1.67 2.98
N ARG A 45 -15.67 -1.66 1.64
CA ARG A 45 -16.99 -1.54 1.04
C ARG A 45 -17.23 -2.85 0.29
N GLU A 46 -18.47 -3.28 0.24
CA GLU A 46 -18.78 -4.54 -0.39
C GLU A 46 -19.12 -4.19 -1.83
N VAL A 47 -18.28 -4.63 -2.78
CA VAL A 47 -18.47 -4.28 -4.18
C VAL A 47 -18.11 -5.52 -4.99
N GLU A 48 -18.97 -5.86 -5.94
CA GLU A 48 -18.71 -6.92 -6.91
C GLU A 48 -18.90 -6.36 -8.32
N GLU A 49 -17.99 -6.72 -9.22
CA GLU A 49 -18.19 -6.41 -10.63
C GLU A 49 -18.12 -7.70 -11.44
N ASN A 50 -19.13 -7.92 -12.28
CA ASN A 50 -19.24 -9.13 -13.07
C ASN A 50 -19.17 -10.34 -12.14
N GLY A 51 -19.79 -10.23 -10.97
CA GLY A 51 -19.76 -11.30 -9.98
C GLY A 51 -18.39 -11.54 -9.34
N ILE A 52 -17.45 -10.61 -9.45
CA ILE A 52 -16.18 -10.82 -8.79
C ILE A 52 -16.00 -9.79 -7.65
N VAL A 53 -15.50 -10.24 -6.48
CA VAL A 53 -15.33 -9.34 -5.33
C VAL A 53 -14.23 -8.30 -5.59
N LEU A 54 -14.55 -7.01 -5.44
CA LEU A 54 -13.60 -5.95 -5.65
C LEU A 54 -13.37 -5.17 -4.34
N ASP A 55 -14.10 -5.53 -3.26
CA ASP A 55 -14.24 -4.77 -2.02
C ASP A 55 -13.08 -3.80 -1.78
N PRO A 56 -13.25 -2.47 -1.96
CA PRO A 56 -12.22 -1.50 -1.58
C PRO A 56 -11.89 -1.71 -0.11
N LEU A 57 -10.60 -1.54 0.22
CA LEU A 57 -10.14 -1.68 1.58
C LEU A 57 -9.49 -0.36 1.98
N LYS A 58 -9.75 0.05 3.24
CA LYS A 58 -9.11 1.25 3.76
C LYS A 58 -8.76 1.00 5.22
N ALA A 59 -7.52 1.31 5.58
CA ALA A 59 -7.10 1.15 6.97
C ALA A 59 -6.47 2.46 7.40
N THR A 60 -6.59 2.74 8.70
CA THR A 60 -5.86 3.83 9.34
C THR A 60 -5.10 3.24 10.51
N HIS A 61 -3.97 3.88 10.81
CA HIS A 61 -3.09 3.37 11.85
C HIS A 61 -2.23 4.51 12.40
N ALA A 62 -1.74 4.35 13.63
CA ALA A 62 -0.92 5.36 14.29
C ALA A 62 0.25 4.64 14.95
N VAL A 63 1.47 4.89 14.46
CA VAL A 63 2.63 4.09 14.82
C VAL A 63 3.64 5.01 15.51
N LYS A 64 4.06 4.64 16.72
CA LYS A 64 4.95 5.51 17.48
C LYS A 64 6.38 5.29 17.01
N GLY A 65 7.18 6.36 16.97
CA GLY A 65 8.61 6.16 16.83
C GLY A 65 9.14 6.07 15.40
N VAL A 66 8.29 6.33 14.38
CA VAL A 66 8.78 6.35 13.00
C VAL A 66 8.24 7.59 12.30
N THR A 67 8.90 7.98 11.21
CA THR A 67 8.32 9.05 10.40
C THR A 67 7.66 8.45 9.17
N GLY A 68 6.89 9.28 8.48
CA GLY A 68 6.28 8.88 7.23
C GLY A 68 7.32 8.64 6.17
N HIS A 69 8.41 9.42 6.23
CA HIS A 69 9.47 9.23 5.26
C HIS A 69 10.08 7.84 5.42
N GLU A 70 10.35 7.46 6.65
CA GLU A 70 10.85 6.13 6.96
C GLU A 70 9.87 5.05 6.49
N VAL A 71 8.60 5.17 6.89
CA VAL A 71 7.61 4.17 6.56
C VAL A 71 7.58 4.01 5.04
N CYS A 72 7.55 5.14 4.31
CA CYS A 72 7.39 5.03 2.87
C CYS A 72 8.64 4.43 2.22
N ASN A 73 9.84 4.78 2.74
CA ASN A 73 11.06 4.25 2.16
C ASN A 73 11.02 2.72 2.29
N TYR A 74 10.66 2.27 3.50
CA TYR A 74 10.72 0.84 3.72
C TYR A 74 9.66 0.13 2.89
N PHE A 75 8.53 0.81 2.63
CA PHE A 75 7.46 0.18 1.87
C PHE A 75 7.87 0.13 0.40
N TRP A 76 8.69 1.11 -0.02
CA TRP A 76 8.97 1.26 -1.42
C TRP A 76 10.24 0.50 -1.82
N ASN A 77 11.17 0.41 -0.89
CA ASN A 77 12.51 0.02 -1.28
C ASN A 77 12.58 -1.48 -1.59
N VAL A 78 12.80 -1.91 -2.85
CA VAL A 78 12.71 -3.34 -3.18
C VAL A 78 13.79 -4.15 -2.45
N ASP A 79 14.83 -3.50 -1.96
CA ASP A 79 15.99 -4.15 -1.37
C ASP A 79 15.63 -4.80 -0.05
N VAL A 80 14.57 -4.35 0.60
CA VAL A 80 14.15 -4.94 1.87
C VAL A 80 12.79 -5.60 1.68
N ARG A 81 12.30 -5.58 0.43
CA ARG A 81 10.98 -6.10 0.11
C ARG A 81 10.81 -7.49 0.72
N ASN A 82 11.86 -8.34 0.60
CA ASN A 82 11.71 -9.72 1.04
C ASN A 82 11.72 -9.85 2.56
N ASP A 83 12.07 -8.81 3.32
CA ASP A 83 12.12 -9.01 4.76
C ASP A 83 10.75 -8.93 5.39
N TRP A 84 9.85 -8.10 4.86
CA TRP A 84 8.61 -7.93 5.59
C TRP A 84 7.47 -8.59 4.83
N GLU A 85 7.68 -8.81 3.53
CA GLU A 85 6.58 -9.16 2.66
C GLU A 85 6.23 -10.62 2.94
N THR A 86 4.95 -10.94 3.16
CA THR A 86 4.58 -12.35 3.31
C THR A 86 3.64 -12.83 2.20
N THR A 87 3.25 -11.95 1.27
CA THR A 87 2.22 -12.33 0.30
C THR A 87 2.77 -12.78 -1.05
N ILE A 88 4.07 -12.62 -1.33
CA ILE A 88 4.53 -12.90 -2.68
C ILE A 88 5.45 -14.13 -2.69
N GLU A 89 5.47 -14.81 -3.83
CA GLU A 89 6.46 -15.85 -4.01
C GLU A 89 7.69 -15.27 -4.69
N ASN A 90 7.50 -14.38 -5.69
CA ASN A 90 8.62 -13.82 -6.43
C ASN A 90 8.24 -12.41 -6.87
N PHE A 91 9.22 -11.51 -6.97
CA PHE A 91 9.02 -10.31 -7.76
C PHE A 91 10.28 -10.02 -8.59
N HIS A 92 10.08 -9.30 -9.69
CA HIS A 92 11.20 -8.93 -10.54
C HIS A 92 11.01 -7.45 -10.89
N VAL A 93 12.04 -6.63 -10.71
CA VAL A 93 11.92 -5.28 -11.24
C VAL A 93 11.98 -5.29 -12.77
N VAL A 94 10.90 -4.86 -13.44
CA VAL A 94 10.83 -4.86 -14.89
C VAL A 94 11.58 -3.67 -15.49
N GLU A 95 11.49 -2.50 -14.85
CA GLU A 95 11.95 -1.28 -15.51
C GLU A 95 12.18 -0.26 -14.41
N THR A 96 13.32 0.45 -14.48
CA THR A 96 13.53 1.58 -13.60
C THR A 96 13.13 2.85 -14.34
N LEU A 97 12.16 3.57 -13.79
CA LEU A 97 11.68 4.72 -14.52
C LEU A 97 12.42 5.98 -14.05
N ALA A 98 12.81 6.02 -12.78
CA ALA A 98 13.42 7.19 -12.17
C ALA A 98 13.91 6.81 -10.78
N ASP A 99 14.48 7.76 -10.06
CA ASP A 99 15.03 7.35 -8.77
C ASP A 99 13.90 7.10 -7.76
N ASN A 100 12.66 7.41 -8.14
CA ASN A 100 11.54 7.25 -7.21
C ASN A 100 10.46 6.37 -7.85
N ALA A 101 10.74 5.77 -9.02
CA ALA A 101 9.70 5.05 -9.74
C ALA A 101 10.27 3.85 -10.51
N ILE A 102 9.63 2.70 -10.28
CA ILE A 102 10.02 1.45 -10.91
C ILE A 102 8.72 0.73 -11.31
N ILE A 103 8.85 -0.27 -12.20
CA ILE A 103 7.72 -1.11 -12.59
C ILE A 103 8.11 -2.53 -12.17
N ILE A 104 7.21 -3.15 -11.41
CA ILE A 104 7.44 -4.42 -10.76
C ILE A 104 6.47 -5.46 -11.32
N TYR A 105 6.99 -6.69 -11.52
CA TYR A 105 6.18 -7.87 -11.74
C TYR A 105 6.29 -8.75 -10.50
N GLN A 106 5.18 -9.29 -9.97
CA GLN A 106 5.31 -10.21 -8.85
C GLN A 106 4.23 -11.28 -8.94
N THR A 107 4.52 -12.43 -8.32
CA THR A 107 3.56 -13.51 -8.25
C THR A 107 3.23 -13.67 -6.78
N HIS A 108 1.94 -13.87 -6.49
CA HIS A 108 1.50 -13.98 -5.12
C HIS A 108 1.43 -15.45 -4.70
N LYS A 109 1.54 -15.73 -3.40
CA LYS A 109 1.32 -17.09 -2.93
C LYS A 109 -0.11 -17.50 -3.27
N ARG A 110 -0.31 -18.79 -3.56
CA ARG A 110 -1.62 -19.32 -3.92
C ARG A 110 -2.52 -19.34 -2.69
N VAL A 111 -3.81 -18.97 -2.81
CA VAL A 111 -4.75 -19.14 -1.71
C VAL A 111 -5.82 -20.16 -2.14
N TRP A 112 -5.76 -21.38 -1.62
CA TRP A 112 -6.68 -22.45 -2.02
C TRP A 112 -8.14 -22.02 -1.90
N PRO A 113 -9.01 -22.29 -2.89
CA PRO A 113 -8.69 -23.01 -4.11
C PRO A 113 -8.59 -22.13 -5.35
N ALA A 114 -8.23 -20.84 -5.18
CA ALA A 114 -8.23 -19.94 -6.32
C ALA A 114 -6.90 -20.11 -7.06
N SER A 115 -6.89 -19.84 -8.36
CA SER A 115 -5.65 -19.81 -9.14
C SER A 115 -4.70 -18.78 -8.53
N GLN A 116 -3.42 -19.00 -8.79
CA GLN A 116 -2.42 -18.03 -8.40
C GLN A 116 -2.67 -16.76 -9.21
N ARG A 117 -2.37 -15.62 -8.58
CA ARG A 117 -2.42 -14.34 -9.28
C ARG A 117 -1.00 -13.78 -9.46
N ASP A 118 -0.83 -13.00 -10.55
CA ASP A 118 0.35 -12.16 -10.75
C ASP A 118 -0.12 -10.71 -10.95
N VAL A 119 0.79 -9.74 -10.84
CA VAL A 119 0.46 -8.34 -10.95
C VAL A 119 1.67 -7.62 -11.53
N LEU A 120 1.40 -6.53 -12.25
CA LEU A 120 2.43 -5.75 -12.92
C LEU A 120 2.11 -4.29 -12.64
N TYR A 121 2.99 -3.63 -11.88
CA TYR A 121 2.56 -2.32 -11.42
C TYR A 121 3.74 -1.36 -11.37
N LEU A 122 3.41 -0.08 -11.51
CA LEU A 122 4.30 1.02 -11.23
C LEU A 122 4.21 1.37 -9.74
N SER A 123 5.38 1.49 -9.14
CA SER A 123 5.50 1.81 -7.76
C SER A 123 6.31 3.09 -7.65
N VAL A 124 5.69 4.14 -7.05
CA VAL A 124 6.32 5.46 -6.96
C VAL A 124 6.25 5.99 -5.53
N ILE A 125 7.34 6.59 -5.03
CA ILE A 125 7.33 7.22 -3.73
C ILE A 125 7.42 8.75 -3.95
N ARG A 126 6.65 9.55 -3.20
CA ARG A 126 6.55 10.98 -3.51
C ARG A 126 6.36 11.74 -2.20
N LYS A 127 7.00 12.91 -2.06
CA LYS A 127 6.72 13.81 -0.94
C LYS A 127 5.79 14.93 -1.39
N ILE A 128 4.71 15.17 -0.64
CA ILE A 128 3.73 16.21 -0.99
C ILE A 128 3.92 17.31 0.03
N PRO A 129 4.55 18.46 -0.34
CA PRO A 129 4.87 19.49 0.65
C PRO A 129 3.60 19.98 1.33
N ALA A 130 3.77 20.46 2.57
CA ALA A 130 2.68 21.06 3.32
C ALA A 130 1.97 22.12 2.45
N LEU A 131 0.66 21.96 2.32
CA LEU A 131 -0.17 22.82 1.50
C LEU A 131 -0.13 24.25 2.05
N THR A 132 -0.29 24.39 3.38
CA THR A 132 -0.13 25.63 4.14
C THR A 132 0.89 25.36 5.24
N GLU A 133 1.32 26.38 6.01
CA GLU A 133 2.27 26.12 7.09
C GLU A 133 1.59 25.45 8.28
N ASN A 134 0.25 25.34 8.24
CA ASN A 134 -0.49 24.60 9.26
C ASN A 134 -0.47 23.12 8.94
N ASP A 135 -0.73 22.82 7.67
CA ASP A 135 -0.94 21.47 7.19
C ASP A 135 0.37 20.69 7.29
N PRO A 136 0.30 19.37 7.54
CA PRO A 136 1.51 18.54 7.59
C PRO A 136 1.95 18.20 6.17
N GLU A 137 3.25 17.95 5.99
CA GLU A 137 3.59 17.34 4.72
C GLU A 137 3.22 15.86 4.75
N THR A 138 3.13 15.24 3.58
CA THR A 138 2.71 13.86 3.42
C THR A 138 3.74 13.14 2.58
N TRP A 139 4.08 11.91 2.97
CA TRP A 139 4.79 11.01 2.07
C TRP A 139 3.81 9.92 1.63
N ILE A 140 3.83 9.60 0.34
CA ILE A 140 2.92 8.60 -0.19
C ILE A 140 3.67 7.61 -1.08
N VAL A 141 3.38 6.31 -0.93
CA VAL A 141 3.75 5.37 -1.96
C VAL A 141 2.49 4.91 -2.69
N CYS A 142 2.56 4.96 -4.02
CA CYS A 142 1.45 4.46 -4.82
C CYS A 142 1.95 3.32 -5.70
N ASN A 143 1.17 2.22 -5.69
CA ASN A 143 1.43 1.05 -6.51
C ASN A 143 0.19 0.90 -7.38
N PHE A 144 0.30 1.09 -8.69
CA PHE A 144 -0.88 0.89 -9.50
C PHE A 144 -0.53 0.15 -10.79
N SER A 145 -1.48 -0.66 -11.29
CA SER A 145 -1.19 -1.54 -12.41
C SER A 145 -0.96 -0.71 -13.67
N VAL A 146 -0.02 -1.17 -14.49
CA VAL A 146 0.29 -0.62 -15.80
C VAL A 146 0.53 -1.78 -16.76
N ASP A 147 0.51 -1.46 -18.06
CA ASP A 147 0.84 -2.38 -19.13
C ASP A 147 2.33 -2.25 -19.42
N HIS A 148 2.95 -3.35 -19.84
CA HIS A 148 4.36 -3.29 -20.22
C HIS A 148 4.70 -4.42 -21.19
N ASP A 149 5.51 -4.09 -22.20
CA ASP A 149 5.86 -5.00 -23.28
C ASP A 149 6.68 -6.16 -22.74
N SER A 150 7.49 -5.93 -21.71
CA SER A 150 8.34 -7.01 -21.22
C SER A 150 7.64 -7.80 -20.12
N ALA A 151 6.29 -7.78 -20.13
CA ALA A 151 5.52 -8.51 -19.12
C ALA A 151 5.88 -10.00 -19.25
N PRO A 152 6.32 -10.70 -18.18
CA PRO A 152 6.52 -12.15 -18.23
C PRO A 152 5.30 -12.98 -18.64
N LEU A 153 5.57 -14.15 -19.24
CA LEU A 153 4.55 -15.17 -19.50
C LEU A 153 4.48 -16.12 -18.30
N ASN A 154 3.26 -16.27 -17.72
CA ASN A 154 3.05 -17.11 -16.54
C ASN A 154 1.64 -17.71 -16.63
N ASN A 155 1.57 -18.84 -17.34
CA ASN A 155 0.35 -19.56 -17.66
C ASN A 155 -0.40 -20.01 -16.41
N ARG A 156 0.31 -20.23 -15.27
CA ARG A 156 -0.36 -20.67 -14.04
C ARG A 156 -1.12 -19.52 -13.36
N CYS A 157 -0.81 -18.27 -13.73
CA CYS A 157 -1.27 -17.10 -12.99
C CYS A 157 -2.37 -16.33 -13.74
N VAL A 158 -3.38 -15.82 -13.00
CA VAL A 158 -4.37 -14.84 -13.47
C VAL A 158 -3.86 -13.45 -13.12
N ARG A 159 -3.97 -12.51 -14.06
CA ARG A 159 -3.42 -11.19 -13.81
C ARG A 159 -4.38 -10.33 -12.99
N ALA A 160 -3.95 -9.97 -11.76
CA ALA A 160 -4.74 -9.05 -10.97
C ALA A 160 -4.39 -7.61 -11.37
N LYS A 161 -5.28 -6.66 -11.07
CA LYS A 161 -4.94 -5.24 -11.16
C LYS A 161 -5.15 -4.58 -9.81
N ILE A 162 -4.22 -3.70 -9.43
CA ILE A 162 -4.16 -3.09 -8.12
C ILE A 162 -4.01 -1.57 -8.25
N ASN A 163 -4.56 -0.87 -7.24
CA ASN A 163 -4.24 0.51 -6.97
C ASN A 163 -4.15 0.63 -5.44
N VAL A 164 -2.94 0.76 -4.93
CA VAL A 164 -2.68 0.71 -3.50
C VAL A 164 -1.92 1.99 -3.19
N ALA A 165 -2.24 2.65 -2.06
CA ALA A 165 -1.47 3.75 -1.54
C ALA A 165 -1.24 3.57 -0.04
N MET A 166 0.01 3.82 0.36
CA MET A 166 0.43 3.97 1.74
C MET A 166 0.73 5.46 1.96
N ILE A 167 -0.10 6.12 2.78
CA ILE A 167 -0.07 7.57 2.84
C ILE A 167 0.24 7.97 4.26
N CYS A 168 1.29 8.79 4.49
CA CYS A 168 1.78 8.93 5.85
C CYS A 168 1.92 10.40 6.23
N GLN A 169 1.39 10.80 7.40
CA GLN A 169 1.66 12.12 7.94
C GLN A 169 2.32 11.97 9.30
N THR A 170 3.28 12.86 9.61
CA THR A 170 4.07 12.71 10.82
C THR A 170 3.80 13.83 11.82
N LEU A 171 3.61 13.44 13.09
CA LEU A 171 3.35 14.40 14.17
C LEU A 171 4.58 14.37 15.06
N VAL A 172 5.11 15.54 15.45
CA VAL A 172 6.19 15.57 16.43
C VAL A 172 5.70 16.38 17.61
N SER A 173 5.93 15.91 18.84
CA SER A 173 5.34 16.54 20.01
C SER A 173 6.21 17.73 20.43
N GLU A 180 15.85 18.84 21.28
CA GLU A 180 16.34 17.75 20.42
C GLU A 180 15.33 16.59 20.32
N ILE A 181 14.94 16.23 19.10
CA ILE A 181 13.77 15.40 18.88
C ILE A 181 14.10 13.92 19.02
N SER A 182 13.25 13.27 19.80
CA SER A 182 13.37 11.88 20.21
C SER A 182 12.33 11.00 19.50
N ARG A 183 12.66 9.72 19.27
CA ARG A 183 11.67 8.78 18.75
C ARG A 183 10.42 8.75 19.63
N ASP A 184 10.59 8.83 20.96
CA ASP A 184 9.46 8.93 21.88
C ASP A 184 8.47 10.01 21.46
N ASN A 185 8.95 11.02 20.75
CA ASN A 185 8.15 12.21 20.50
C ASN A 185 7.52 12.19 19.13
N ILE A 186 7.68 11.08 18.38
CA ILE A 186 7.15 11.14 17.02
C ILE A 186 6.08 10.07 16.77
N LEU A 187 5.05 10.45 16.01
CA LEU A 187 3.93 9.60 15.68
C LEU A 187 3.68 9.65 14.17
N CYS A 188 3.63 8.48 13.51
CA CYS A 188 3.29 8.44 12.11
C CYS A 188 1.84 7.99 11.96
N LYS A 189 1.02 8.84 11.34
CA LYS A 189 -0.37 8.50 11.03
C LYS A 189 -0.46 7.99 9.59
N ILE A 190 -0.95 6.74 9.44
CA ILE A 190 -0.99 6.08 8.16
C ILE A 190 -2.44 5.92 7.73
N THR A 191 -2.65 6.26 6.46
CA THR A 191 -3.83 5.77 5.79
C THR A 191 -3.35 4.85 4.67
N TYR A 192 -3.88 3.62 4.67
CA TYR A 192 -3.49 2.66 3.64
C TYR A 192 -4.73 2.19 2.88
N VAL A 193 -4.71 2.26 1.54
CA VAL A 193 -5.90 1.90 0.77
C VAL A 193 -5.49 0.87 -0.28
N ALA A 194 -6.39 -0.08 -0.61
CA ALA A 194 -6.05 -1.05 -1.64
C ALA A 194 -7.35 -1.37 -2.36
N ASN A 195 -7.30 -1.17 -3.67
CA ASN A 195 -8.35 -1.54 -4.58
C ASN A 195 -7.76 -2.59 -5.50
N VAL A 196 -8.21 -3.83 -5.32
CA VAL A 196 -7.64 -4.96 -5.97
C VAL A 196 -8.73 -5.58 -6.80
N ASN A 197 -8.41 -5.78 -8.08
CA ASN A 197 -9.24 -6.56 -8.96
C ASN A 197 -8.56 -7.91 -9.19
N PRO A 198 -9.13 -9.03 -8.68
CA PRO A 198 -8.49 -10.35 -8.77
C PRO A 198 -8.37 -10.86 -10.21
N GLY A 199 -9.10 -10.24 -11.14
CA GLY A 199 -8.77 -10.29 -12.55
C GLY A 199 -9.35 -11.52 -13.26
N GLY A 200 -10.28 -12.17 -12.58
CA GLY A 200 -10.96 -13.33 -13.12
C GLY A 200 -11.67 -13.89 -11.91
N TRP A 201 -12.41 -14.98 -12.09
CA TRP A 201 -13.19 -15.56 -10.98
C TRP A 201 -12.35 -16.06 -9.80
N ALA A 202 -12.82 -15.77 -8.59
CA ALA A 202 -12.24 -16.30 -7.36
C ALA A 202 -13.39 -16.37 -6.36
N PRO A 203 -13.46 -17.36 -5.43
CA PRO A 203 -14.64 -17.43 -4.58
C PRO A 203 -14.71 -16.19 -3.70
N ALA A 204 -15.90 -15.62 -3.65
CA ALA A 204 -16.16 -14.44 -2.85
C ALA A 204 -15.76 -14.67 -1.39
N SER A 205 -16.15 -15.82 -0.81
CA SER A 205 -15.97 -16.00 0.62
C SER A 205 -14.47 -15.98 0.94
N VAL A 206 -13.69 -16.55 0.03
CA VAL A 206 -12.24 -16.65 0.18
C VAL A 206 -11.58 -15.26 0.17
N LEU A 207 -11.90 -14.46 -0.86
CA LEU A 207 -11.36 -13.12 -0.96
C LEU A 207 -11.67 -12.34 0.31
N ARG A 208 -12.89 -12.47 0.85
CA ARG A 208 -13.29 -11.64 1.96
C ARG A 208 -12.62 -12.09 3.25
N ALA A 209 -12.49 -13.41 3.44
CA ALA A 209 -11.84 -13.89 4.66
C ALA A 209 -10.36 -13.51 4.66
N VAL A 210 -9.70 -13.68 3.50
CA VAL A 210 -8.32 -13.32 3.31
C VAL A 210 -8.15 -11.84 3.66
N ALA A 211 -8.91 -10.97 2.99
CA ALA A 211 -8.82 -9.56 3.31
C ALA A 211 -8.97 -9.37 4.82
N LYS A 212 -10.06 -9.85 5.39
CA LYS A 212 -10.36 -9.54 6.78
C LYS A 212 -9.26 -10.06 7.73
N ARG A 213 -8.64 -11.20 7.40
CA ARG A 213 -7.62 -11.74 8.30
C ARG A 213 -6.23 -11.17 8.01
N GLU A 214 -5.86 -11.06 6.72
CA GLU A 214 -4.50 -10.83 6.30
C GLU A 214 -4.14 -9.35 6.22
N TYR A 215 -5.10 -8.45 6.01
CA TYR A 215 -4.69 -7.05 5.92
C TYR A 215 -4.23 -6.52 7.28
N PRO A 216 -4.97 -6.77 8.37
CA PRO A 216 -4.53 -6.32 9.69
C PRO A 216 -3.17 -6.92 10.03
N LYS A 217 -2.92 -8.15 9.62
CA LYS A 217 -1.66 -8.79 9.98
C LYS A 217 -0.56 -8.18 9.14
N PHE A 218 -0.85 -7.98 7.87
CA PHE A 218 0.17 -7.44 7.00
C PHE A 218 0.61 -6.07 7.54
N LEU A 219 -0.38 -5.26 7.93
CA LEU A 219 -0.09 -3.91 8.37
C LEU A 219 0.58 -3.90 9.75
N LYS A 220 0.06 -4.67 10.72
CA LYS A 220 0.78 -4.64 11.98
C LYS A 220 2.18 -5.18 11.80
N ARG A 221 2.34 -6.21 10.97
CA ARG A 221 3.65 -6.79 10.79
C ARG A 221 4.63 -5.81 10.13
N PHE A 222 4.24 -5.31 8.95
CA PHE A 222 5.01 -4.26 8.27
C PHE A 222 5.39 -3.10 9.22
N THR A 223 4.45 -2.53 9.99
CA THR A 223 4.82 -1.34 10.73
C THR A 223 5.75 -1.71 11.90
N SER A 224 5.64 -2.94 12.40
CA SER A 224 6.46 -3.41 13.52
C SER A 224 7.88 -3.57 13.02
N TYR A 225 7.99 -4.09 11.80
CA TYR A 225 9.29 -4.14 11.16
C TYR A 225 9.90 -2.75 10.97
N VAL A 226 9.09 -1.72 10.68
CA VAL A 226 9.69 -0.42 10.46
C VAL A 226 10.24 0.09 11.80
N GLN A 227 9.46 -0.06 12.85
CA GLN A 227 9.86 0.40 14.17
C GLN A 227 11.17 -0.29 14.56
N GLU A 228 11.29 -1.56 14.19
CA GLU A 228 12.43 -2.35 14.60
C GLU A 228 13.66 -1.91 13.80
N LYS A 229 13.57 -1.82 12.46
CA LYS A 229 14.71 -1.43 11.65
C LYS A 229 15.25 -0.03 12.00
N THR A 230 14.42 0.84 12.56
CA THR A 230 14.76 2.24 12.66
C THR A 230 15.18 2.61 14.08
N ALA A 231 14.85 1.75 15.05
CA ALA A 231 15.03 2.12 16.45
C ALA A 231 16.53 2.33 16.66
N GLY A 232 16.87 3.39 17.41
CA GLY A 232 18.24 3.81 17.65
C GLY A 232 19.01 4.05 16.35
N LYS A 233 18.36 4.65 15.35
CA LYS A 233 19.12 5.09 14.20
C LYS A 233 18.67 6.54 13.94
N PRO A 234 19.53 7.50 13.47
CA PRO A 234 19.09 8.87 13.24
C PRO A 234 17.71 8.96 12.57
N ILE A 235 16.86 9.88 13.06
CA ILE A 235 15.52 10.08 12.52
C ILE A 235 15.61 10.71 11.13
N LEU A 236 15.08 9.98 10.15
CA LEU A 236 15.01 10.53 8.80
C LEU A 236 13.63 11.15 8.63
N PHE A 237 13.52 12.47 8.85
CA PHE A 237 12.27 13.15 8.61
C PHE A 237 12.02 13.32 7.11
#